data_4HGT
#
_entry.id   4HGT
#
_cell.length_a   49.17
_cell.length_b   72.97
_cell.length_c   89.33
_cell.angle_alpha   90
_cell.angle_beta   103.63
_cell.angle_gamma   90
#
_symmetry.space_group_name_H-M   'P 1 21 1'
#
loop_
_entity.id
_entity.type
_entity.pdbx_description
1 polymer 'Casein kinase I isoform delta'
2 non-polymer 2-{2-[(3,4-difluorophenoxy)methyl]-5-methoxypyridin-4-yl}-1,5,6,7-tetrahydro-4H-pyrrolo[3,2-c]pyridin-4-one
3 water water
#
_entity_poly.entity_id   1
_entity_poly.type   'polypeptide(L)'
_entity_poly.pdbx_seq_one_letter_code
;GSMELRVGNRYRLGRKIGSGSFGDIYLGTDIAAGEEVAIKLECVKTKHPQLHIESKIYKMMQGGVGIPTIRWCGAEGDYN
VMVMELLGPSLEDLFNFCSRKFSLKTVLLLADQMISRIEYIHSKNFIHRDVKPDNFLMGLGKKGNLVYIIDFGLAKKYRD
ARTHQHIPYRENKNLTGTARYASINTHLGIEQSRRDDLESLGYVLMYFNLGSLPWQGLKAATKRQKYERISEKKMSTPIE
VLCKGYPSEFATYLNFCRSLRFDDKPDYSYLRQLFRNLFHRQGFSYDYVFDWNMLK
;
_entity_poly.pdbx_strand_id   A,B
#
loop_
_chem_comp.id
_chem_comp.type
_chem_comp.name
_chem_comp.formula
15G non-polymer 2-{2-[(3,4-difluorophenoxy)methyl]-5-methoxypyridin-4-yl}-1,5,6,7-tetrahydro-4H-pyrrolo[3,2-c]pyridin-4-one 'C20 H17 F2 N3 O3'
#
# COMPACT_ATOMS: atom_id res chain seq x y z
N TYR A 11 -12.81 -7.80 0.01
CA TYR A 11 -11.33 -7.88 -0.17
C TYR A 11 -11.07 -8.49 -1.52
N ARG A 12 -10.26 -7.83 -2.34
CA ARG A 12 -9.92 -8.40 -3.63
C ARG A 12 -8.63 -9.15 -3.33
N LEU A 13 -8.50 -10.37 -3.84
CA LEU A 13 -7.32 -11.21 -3.58
C LEU A 13 -6.21 -11.03 -4.61
N GLY A 14 -4.96 -10.89 -4.15
CA GLY A 14 -3.84 -10.68 -5.06
C GLY A 14 -2.80 -11.77 -5.13
N ARG A 15 -1.59 -11.41 -5.57
CA ARG A 15 -0.45 -12.32 -5.75
C ARG A 15 0.25 -12.81 -4.50
N LYS A 16 0.83 -14.00 -4.60
CA LYS A 16 1.52 -14.60 -3.48
C LYS A 16 2.86 -13.94 -3.19
N ILE A 17 3.03 -13.37 -2.01
CA ILE A 17 4.28 -12.73 -1.69
C ILE A 17 5.13 -13.46 -0.68
N GLY A 18 4.60 -14.53 -0.09
CA GLY A 18 5.41 -15.22 0.88
C GLY A 18 4.76 -16.44 1.49
N SER A 19 5.48 -17.10 2.38
CA SER A 19 5.00 -18.27 3.07
C SER A 19 5.45 -18.19 4.53
N GLY A 20 4.51 -18.36 5.45
CA GLY A 20 4.83 -18.30 6.86
C GLY A 20 5.15 -19.65 7.44
N SER A 21 5.33 -19.70 8.75
CA SER A 21 5.63 -21.00 9.33
C SER A 21 4.49 -21.95 8.94
N PHE A 22 3.34 -21.34 8.68
CA PHE A 22 2.17 -22.03 8.23
C PHE A 22 1.43 -21.14 7.27
N GLY A 23 0.92 -21.73 6.19
CA GLY A 23 0.18 -20.97 5.22
C GLY A 23 1.00 -20.11 4.28
N ASP A 24 0.27 -19.37 3.47
CA ASP A 24 0.85 -18.50 2.48
C ASP A 24 0.15 -17.14 2.52
N ILE A 25 0.94 -16.10 2.37
CA ILE A 25 0.50 -14.73 2.42
C ILE A 25 0.41 -14.12 1.03
N TYR A 26 -0.66 -13.35 0.80
CA TYR A 26 -0.91 -12.73 -0.49
C TYR A 26 -1.19 -11.24 -0.26
N LEU A 27 -0.99 -10.44 -1.30
CA LEU A 27 -1.30 -9.02 -1.19
C LEU A 27 -2.79 -8.95 -1.49
N GLY A 28 -3.47 -7.91 -1.05
CA GLY A 28 -4.89 -7.80 -1.34
C GLY A 28 -5.39 -6.39 -1.23
N THR A 29 -6.71 -6.23 -1.31
CA THR A 29 -7.27 -4.90 -1.21
C THR A 29 -8.57 -4.84 -0.46
N ASP A 30 -8.66 -3.87 0.44
CA ASP A 30 -9.87 -3.64 1.17
C ASP A 30 -10.60 -2.85 0.09
N ILE A 31 -11.35 -3.56 -0.77
CA ILE A 31 -12.04 -2.95 -1.91
C ILE A 31 -12.73 -1.61 -1.74
N ALA A 32 -13.60 -1.47 -0.73
CA ALA A 32 -14.30 -0.21 -0.54
C ALA A 32 -13.46 0.93 0.04
N ALA A 33 -12.38 0.59 0.73
CA ALA A 33 -11.51 1.60 1.32
C ALA A 33 -10.32 1.81 0.40
N GLY A 34 -10.25 1.02 -0.67
CA GLY A 34 -9.15 1.15 -1.61
C GLY A 34 -7.77 1.08 -0.95
N GLU A 35 -7.69 0.38 0.18
CA GLU A 35 -6.41 0.25 0.87
C GLU A 35 -5.83 -1.12 0.59
N GLU A 36 -4.52 -1.19 0.37
CA GLU A 36 -3.92 -2.49 0.13
C GLU A 36 -3.75 -3.15 1.50
N VAL A 37 -3.83 -4.48 1.53
CA VAL A 37 -3.68 -5.24 2.76
C VAL A 37 -2.86 -6.48 2.51
N ALA A 38 -2.56 -7.21 3.59
CA ALA A 38 -1.81 -8.47 3.49
C ALA A 38 -2.83 -9.52 3.90
N ILE A 39 -2.91 -10.60 3.13
CA ILE A 39 -3.89 -11.64 3.41
C ILE A 39 -3.25 -13.02 3.50
N LYS A 40 -3.33 -13.60 4.69
CA LYS A 40 -2.77 -14.92 4.93
C LYS A 40 -3.89 -15.96 4.83
N LEU A 41 -3.65 -16.97 4.00
CA LEU A 41 -4.62 -18.05 3.78
C LEU A 41 -4.20 -19.42 4.32
N GLU A 42 -5.14 -20.13 4.93
CA GLU A 42 -4.85 -21.46 5.43
C GLU A 42 -5.92 -22.45 4.91
N CYS A 43 -5.53 -23.52 4.20
CA CYS A 43 -6.56 -24.46 3.71
C CYS A 43 -7.40 -24.94 4.88
N VAL A 44 -8.72 -24.82 4.74
CA VAL A 44 -9.69 -25.18 5.76
C VAL A 44 -9.71 -26.68 6.16
N HIS A 48 -5.08 -30.30 12.00
CA HIS A 48 -3.83 -29.53 12.01
C HIS A 48 -3.92 -28.00 11.91
N PRO A 49 -5.14 -27.44 11.83
CA PRO A 49 -5.34 -25.98 11.72
C PRO A 49 -4.61 -25.11 12.75
N GLN A 50 -3.94 -24.08 12.22
CA GLN A 50 -3.10 -23.15 12.98
C GLN A 50 -3.40 -21.64 12.83
N LEU A 51 -4.04 -21.23 11.74
CA LEU A 51 -4.30 -19.81 11.53
C LEU A 51 -5.08 -19.12 12.64
N HIS A 52 -6.15 -19.75 13.11
CA HIS A 52 -6.96 -19.15 14.15
C HIS A 52 -6.17 -18.92 15.43
N ILE A 53 -5.27 -19.85 15.75
CA ILE A 53 -4.43 -19.74 16.93
C ILE A 53 -3.48 -18.57 16.81
N GLU A 54 -2.89 -18.40 15.62
CA GLU A 54 -1.98 -17.28 15.44
C GLU A 54 -2.80 -16.00 15.60
N SER A 55 -3.98 -15.96 14.98
CA SER A 55 -4.85 -14.79 15.05
C SER A 55 -5.14 -14.39 16.49
N LYS A 56 -5.36 -15.38 17.37
CA LYS A 56 -5.65 -15.09 18.78
C LYS A 56 -4.45 -14.43 19.45
N ILE A 57 -3.25 -14.89 19.11
CA ILE A 57 -2.06 -14.31 19.73
C ILE A 57 -1.88 -12.85 19.30
N TYR A 58 -2.10 -12.57 18.02
CA TYR A 58 -1.98 -11.21 17.53
C TYR A 58 -2.94 -10.32 18.32
N LYS A 59 -4.18 -10.75 18.42
CA LYS A 59 -5.18 -9.98 19.14
C LYS A 59 -4.71 -9.76 20.57
N MET A 60 -4.05 -10.76 21.15
CA MET A 60 -3.55 -10.63 22.51
C MET A 60 -2.38 -9.67 22.58
N MET A 61 -1.68 -9.50 21.47
CA MET A 61 -0.53 -8.59 21.39
C MET A 61 -0.95 -7.20 20.92
N GLN A 62 -2.15 -7.11 20.37
CA GLN A 62 -2.66 -5.84 19.86
C GLN A 62 -2.45 -4.70 20.84
N GLY A 63 -2.18 -3.52 20.31
CA GLY A 63 -2.02 -2.38 21.19
C GLY A 63 -0.60 -2.20 21.67
N GLY A 64 0.29 -3.05 21.18
CA GLY A 64 1.69 -2.93 21.54
C GLY A 64 2.39 -2.22 20.41
N VAL A 65 3.55 -1.65 20.68
CA VAL A 65 4.29 -0.96 19.63
C VAL A 65 4.92 -1.98 18.70
N GLY A 66 4.88 -1.73 17.40
CA GLY A 66 5.50 -2.65 16.46
C GLY A 66 4.76 -3.96 16.21
N ILE A 67 3.48 -3.99 16.54
CA ILE A 67 2.68 -5.19 16.32
C ILE A 67 1.60 -4.93 15.26
N PRO A 68 1.55 -5.75 14.21
CA PRO A 68 0.55 -5.58 13.14
C PRO A 68 -0.90 -5.64 13.60
N THR A 69 -1.79 -4.97 12.89
CA THR A 69 -3.20 -4.97 13.26
C THR A 69 -3.93 -5.99 12.39
N ILE A 70 -4.82 -6.79 12.97
CA ILE A 70 -5.58 -7.73 12.17
C ILE A 70 -6.82 -6.98 11.79
N ARG A 71 -7.16 -6.94 10.51
CA ARG A 71 -8.36 -6.23 10.11
C ARG A 71 -9.60 -7.12 10.12
N TRP A 72 -9.44 -8.36 9.70
CA TRP A 72 -10.56 -9.31 9.67
C TRP A 72 -10.05 -10.75 9.77
N CYS A 73 -10.90 -11.62 10.29
CA CYS A 73 -10.57 -13.04 10.46
C CYS A 73 -11.86 -13.82 10.23
N GLY A 74 -11.79 -14.87 9.41
CA GLY A 74 -12.97 -15.68 9.15
C GLY A 74 -12.65 -16.74 8.11
N ALA A 75 -13.68 -17.35 7.54
CA ALA A 75 -13.46 -18.38 6.53
C ALA A 75 -14.21 -18.02 5.24
N GLU A 76 -13.61 -18.29 4.09
CA GLU A 76 -14.27 -18.11 2.81
C GLU A 76 -13.82 -19.22 1.92
N GLY A 77 -14.81 -20.01 1.52
CA GLY A 77 -14.52 -21.10 0.62
C GLY A 77 -13.72 -22.17 1.27
N ASP A 78 -12.63 -22.53 0.61
CA ASP A 78 -11.78 -23.59 1.09
C ASP A 78 -10.59 -23.06 1.87
N TYR A 79 -10.82 -21.90 2.49
CA TYR A 79 -9.80 -21.19 3.26
C TYR A 79 -10.26 -20.45 4.52
N ASN A 80 -9.40 -20.49 5.53
CA ASN A 80 -9.58 -19.74 6.78
C ASN A 80 -8.77 -18.52 6.35
N VAL A 81 -9.24 -17.31 6.67
CA VAL A 81 -8.51 -16.12 6.23
C VAL A 81 -8.16 -15.12 7.33
N MET A 82 -7.01 -14.46 7.22
CA MET A 82 -6.62 -13.45 8.22
C MET A 82 -6.04 -12.26 7.47
N VAL A 83 -6.81 -11.16 7.43
CA VAL A 83 -6.39 -9.95 6.73
C VAL A 83 -5.61 -9.07 7.70
N MET A 84 -4.44 -8.60 7.27
CA MET A 84 -3.61 -7.74 8.13
C MET A 84 -3.22 -6.42 7.45
N GLU A 85 -2.89 -5.42 8.26
CA GLU A 85 -2.51 -4.11 7.71
C GLU A 85 -1.21 -4.30 6.94
N LEU A 86 -1.11 -3.64 5.79
CA LEU A 86 0.09 -3.76 4.96
C LEU A 86 1.31 -3.13 5.64
N LEU A 87 2.45 -3.77 5.50
CA LEU A 87 3.69 -3.30 6.07
C LEU A 87 4.75 -3.17 4.98
N GLY A 88 5.90 -2.63 5.34
CA GLY A 88 6.97 -2.45 4.38
C GLY A 88 7.84 -3.68 4.23
N PRO A 89 9.04 -3.52 3.65
CA PRO A 89 10.02 -4.58 3.40
C PRO A 89 10.52 -5.22 4.69
N SER A 90 10.93 -6.48 4.60
CA SER A 90 11.46 -7.23 5.73
C SER A 90 12.91 -6.78 5.89
N LEU A 91 13.51 -7.08 7.04
CA LEU A 91 14.90 -6.70 7.25
C LEU A 91 15.80 -7.51 6.33
N GLU A 92 15.34 -8.68 5.90
CA GLU A 92 16.17 -9.47 4.99
C GLU A 92 16.14 -8.76 3.64
N ASP A 93 14.98 -8.23 3.26
CA ASP A 93 14.86 -7.50 1.99
C ASP A 93 15.74 -6.26 2.02
N LEU A 94 15.61 -5.46 3.08
CA LEU A 94 16.39 -4.25 3.23
C LEU A 94 17.88 -4.58 3.29
N PHE A 95 18.19 -5.74 3.86
CA PHE A 95 19.59 -6.17 3.96
C PHE A 95 20.10 -6.34 2.53
N ASN A 96 19.31 -7.02 1.71
CA ASN A 96 19.66 -7.25 0.31
C ASN A 96 19.83 -5.92 -0.43
N PHE A 97 18.87 -5.01 -0.23
CA PHE A 97 18.94 -3.72 -0.89
C PHE A 97 20.16 -2.94 -0.47
N CYS A 98 20.64 -3.18 0.75
CA CYS A 98 21.82 -2.47 1.23
C CYS A 98 23.11 -3.25 0.99
N SER A 99 23.07 -4.12 -0.01
CA SER A 99 24.23 -4.93 -0.42
C SER A 99 24.70 -5.93 0.62
N ARG A 100 23.75 -6.41 1.44
CA ARG A 100 24.02 -7.40 2.48
C ARG A 100 25.14 -7.09 3.46
N LYS A 101 25.04 -5.91 4.04
CA LYS A 101 25.93 -5.43 5.08
C LYS A 101 25.33 -4.11 5.52
N PHE A 102 25.03 -4.03 6.80
CA PHE A 102 24.46 -2.83 7.38
C PHE A 102 25.60 -2.13 8.10
N SER A 103 25.53 -0.80 8.19
CA SER A 103 26.56 -0.02 8.87
C SER A 103 26.34 -0.25 10.35
N LEU A 104 27.36 -0.05 11.17
CA LEU A 104 27.24 -0.24 12.61
C LEU A 104 26.08 0.56 13.21
N LYS A 105 25.91 1.81 12.76
CA LYS A 105 24.82 2.63 13.29
C LYS A 105 23.46 1.99 13.05
N THR A 106 23.26 1.46 11.84
CA THR A 106 21.97 0.83 11.53
C THR A 106 21.71 -0.40 12.38
N VAL A 107 22.73 -1.22 12.58
CA VAL A 107 22.56 -2.42 13.41
C VAL A 107 22.15 -1.97 14.81
N LEU A 108 22.84 -0.96 15.34
CA LEU A 108 22.49 -0.47 16.67
C LEU A 108 21.07 0.09 16.74
N LEU A 109 20.66 0.82 15.72
CA LEU A 109 19.31 1.37 15.71
C LEU A 109 18.32 0.21 15.66
N LEU A 110 18.68 -0.84 14.93
CA LEU A 110 17.81 -1.98 14.82
C LEU A 110 17.77 -2.78 16.12
N ALA A 111 18.93 -3.01 16.71
CA ALA A 111 19.02 -3.77 17.96
C ALA A 111 18.18 -3.17 19.07
N ASP A 112 18.17 -1.85 19.17
CA ASP A 112 17.41 -1.20 20.23
C ASP A 112 15.92 -1.53 20.13
N GLN A 113 15.38 -1.49 18.91
CA GLN A 113 13.97 -1.77 18.70
C GLN A 113 13.60 -3.25 18.76
N MET A 114 14.50 -4.12 18.30
CA MET A 114 14.25 -5.54 18.28
C MET A 114 14.24 -6.11 19.70
N ILE A 115 15.17 -5.66 20.55
CA ILE A 115 15.19 -6.15 21.93
C ILE A 115 13.85 -5.79 22.56
N SER A 116 13.40 -4.58 22.27
CA SER A 116 12.13 -4.09 22.79
C SER A 116 10.93 -4.88 22.27
N ARG A 117 10.90 -5.23 20.98
CA ARG A 117 9.77 -6.02 20.46
C ARG A 117 9.72 -7.35 21.17
N ILE A 118 10.88 -7.99 21.29
CA ILE A 118 10.97 -9.29 21.93
C ILE A 118 10.55 -9.15 23.40
N GLU A 119 11.01 -8.11 24.06
CA GLU A 119 10.63 -7.93 25.46
C GLU A 119 9.12 -7.79 25.62
N TYR A 120 8.48 -7.10 24.67
CA TYR A 120 7.02 -6.93 24.74
C TYR A 120 6.30 -8.26 24.61
N ILE A 121 6.68 -9.06 23.62
CA ILE A 121 6.08 -10.37 23.42
C ILE A 121 6.24 -11.19 24.69
N HIS A 122 7.39 -11.05 25.35
CA HIS A 122 7.64 -11.78 26.58
C HIS A 122 6.74 -11.24 27.69
N SER A 123 6.55 -9.93 27.75
CA SER A 123 5.71 -9.32 28.79
C SER A 123 4.28 -9.83 28.67
N LYS A 124 3.92 -10.32 27.48
CA LYS A 124 2.59 -10.84 27.26
C LYS A 124 2.49 -12.35 27.44
N ASN A 125 3.54 -12.93 28.02
CA ASN A 125 3.59 -14.37 28.30
C ASN A 125 3.93 -15.34 27.18
N PHE A 126 4.39 -14.83 26.05
CA PHE A 126 4.74 -15.71 24.95
C PHE A 126 6.19 -15.54 24.52
N ILE A 127 6.72 -16.57 23.87
CA ILE A 127 8.06 -16.51 23.29
C ILE A 127 7.76 -16.67 21.80
N HIS A 128 8.57 -16.04 20.95
CA HIS A 128 8.35 -16.06 19.50
C HIS A 128 8.86 -17.32 18.82
N ARG A 129 10.06 -17.75 19.20
CA ARG A 129 10.71 -18.95 18.67
C ARG A 129 11.11 -18.93 17.21
N ASP A 130 10.94 -17.80 16.53
CA ASP A 130 11.35 -17.74 15.14
C ASP A 130 11.92 -16.36 14.78
N VAL A 131 12.79 -15.87 15.66
CA VAL A 131 13.44 -14.59 15.45
C VAL A 131 14.45 -14.71 14.30
N LYS A 132 14.22 -13.96 13.24
CA LYS A 132 15.08 -13.97 12.06
C LYS A 132 14.73 -12.73 11.23
N PRO A 133 15.64 -12.28 10.36
CA PRO A 133 15.43 -11.11 9.52
C PRO A 133 14.10 -11.11 8.77
N ASP A 134 13.69 -12.27 8.27
CA ASP A 134 12.43 -12.37 7.53
C ASP A 134 11.19 -12.02 8.38
N ASN A 135 11.28 -12.19 9.70
CA ASN A 135 10.12 -11.90 10.54
C ASN A 135 10.07 -10.53 11.19
N PHE A 136 10.83 -9.61 10.63
CA PHE A 136 10.85 -8.24 11.11
C PHE A 136 10.66 -7.39 9.85
N LEU A 137 9.59 -6.60 9.83
CA LEU A 137 9.29 -5.72 8.69
C LEU A 137 9.16 -4.26 9.13
N MET A 138 9.61 -3.33 8.30
CA MET A 138 9.48 -1.92 8.66
C MET A 138 8.06 -1.47 8.40
N GLY A 139 7.62 -0.41 9.07
CA GLY A 139 6.28 0.08 8.87
C GLY A 139 6.15 1.00 7.67
N LEU A 140 4.97 1.61 7.51
CA LEU A 140 4.74 2.52 6.39
C LEU A 140 4.21 3.84 6.90
N GLY A 141 4.15 4.83 6.02
CA GLY A 141 3.65 6.13 6.43
C GLY A 141 4.38 6.71 7.62
N LYS A 142 3.61 7.15 8.60
CA LYS A 142 4.17 7.77 9.78
C LYS A 142 5.00 6.82 10.62
N LYS A 143 4.78 5.51 10.45
CA LYS A 143 5.52 4.54 11.22
C LYS A 143 6.59 3.86 10.37
N GLY A 144 7.09 4.60 9.38
CA GLY A 144 8.11 4.06 8.49
C GLY A 144 9.44 3.73 9.17
N ASN A 145 9.68 4.29 10.35
CA ASN A 145 10.92 3.98 11.05
C ASN A 145 10.75 3.00 12.21
N LEU A 146 9.57 2.40 12.30
CA LEU A 146 9.28 1.45 13.37
C LEU A 146 9.48 0.03 12.86
N VAL A 147 10.18 -0.79 13.64
CA VAL A 147 10.41 -2.20 13.27
C VAL A 147 9.29 -3.05 13.88
N TYR A 148 8.52 -3.72 13.03
CA TYR A 148 7.43 -4.59 13.50
C TYR A 148 7.94 -6.02 13.54
N ILE A 149 7.25 -6.87 14.29
CA ILE A 149 7.63 -8.28 14.33
C ILE A 149 6.42 -9.06 13.81
N ILE A 150 6.67 -10.03 12.96
CA ILE A 150 5.56 -10.79 12.39
C ILE A 150 5.68 -12.30 12.56
N ASP A 151 4.61 -12.97 12.15
CA ASP A 151 4.48 -14.42 12.18
C ASP A 151 4.63 -15.07 13.55
N PHE A 152 3.51 -15.28 14.21
CA PHE A 152 3.49 -15.91 15.53
C PHE A 152 3.10 -17.39 15.39
N GLY A 153 3.27 -17.92 14.18
CA GLY A 153 2.95 -19.31 13.88
C GLY A 153 3.70 -20.34 14.71
N LEU A 154 4.78 -19.93 15.37
CA LEU A 154 5.55 -20.85 16.19
C LEU A 154 5.64 -20.37 17.64
N ALA A 155 4.90 -19.30 17.94
CA ALA A 155 4.88 -18.69 19.27
C ALA A 155 4.25 -19.62 20.29
N LYS A 156 4.73 -19.57 21.53
CA LYS A 156 4.20 -20.44 22.57
C LYS A 156 4.20 -19.69 23.89
N LYS A 157 3.23 -20.02 24.73
CA LYS A 157 3.08 -19.44 26.06
C LYS A 157 4.23 -19.99 26.91
N TYR A 158 4.92 -19.15 27.67
CA TYR A 158 6.01 -19.64 28.52
C TYR A 158 5.75 -19.54 30.02
N ARG A 159 4.64 -18.91 30.39
CA ARG A 159 4.26 -18.78 31.80
C ARG A 159 2.75 -18.60 31.87
N ASP A 160 2.13 -19.24 32.85
CA ASP A 160 0.69 -19.15 33.02
C ASP A 160 0.30 -17.69 33.16
N ALA A 161 -0.76 -17.29 32.47
CA ALA A 161 -1.23 -15.91 32.50
C ALA A 161 -1.59 -15.40 33.90
N ARG A 162 -2.36 -16.16 34.65
CA ARG A 162 -2.75 -15.73 35.99
C ARG A 162 -1.65 -15.74 37.05
N THR A 163 -0.93 -16.86 37.17
CA THR A 163 0.14 -17.00 38.16
C THR A 163 1.57 -16.74 37.71
N HIS A 164 1.79 -16.76 36.40
CA HIS A 164 3.15 -16.56 35.85
C HIS A 164 4.12 -17.71 36.15
N GLN A 165 3.56 -18.89 36.37
CA GLN A 165 4.36 -20.08 36.64
C GLN A 165 5.03 -20.44 35.31
N HIS A 166 6.36 -20.41 35.29
CA HIS A 166 7.14 -20.70 34.09
C HIS A 166 6.96 -22.16 33.66
N ILE A 167 6.96 -22.40 32.36
CA ILE A 167 6.83 -23.78 31.88
C ILE A 167 8.04 -24.56 32.36
N PRO A 168 7.91 -25.89 32.49
CA PRO A 168 9.01 -26.73 32.96
C PRO A 168 10.13 -26.95 31.96
N TYR A 169 11.29 -27.32 32.48
CA TYR A 169 12.45 -27.61 31.64
C TYR A 169 12.19 -28.95 30.96
N ARG A 170 12.47 -29.02 29.67
CA ARG A 170 12.21 -30.23 28.92
C ARG A 170 13.37 -30.51 27.96
N GLU A 171 13.67 -31.80 27.74
CA GLU A 171 14.75 -32.22 26.87
C GLU A 171 14.23 -33.07 25.70
N ASN A 172 15.15 -33.43 24.80
CA ASN A 172 14.86 -34.26 23.62
C ASN A 172 13.85 -33.66 22.63
N LYS A 173 13.77 -32.34 22.57
CA LYS A 173 12.86 -31.69 21.65
C LYS A 173 13.47 -31.55 20.28
N ASN A 174 12.72 -31.91 19.25
CA ASN A 174 13.22 -31.74 17.90
C ASN A 174 13.14 -30.26 17.63
N LEU A 175 14.04 -29.75 16.78
CA LEU A 175 14.16 -28.33 16.42
C LEU A 175 12.93 -27.61 15.82
N THR A 176 12.64 -26.40 16.30
CA THR A 176 11.53 -25.62 15.73
C THR A 176 11.96 -24.17 15.57
N GLY A 177 12.00 -23.70 14.33
CA GLY A 177 12.42 -22.34 14.05
C GLY A 177 13.28 -22.54 12.84
N THR A 178 14.17 -21.61 12.55
CA THR A 178 15.03 -21.80 11.39
C THR A 178 16.43 -22.03 11.98
N ALA A 179 17.10 -23.06 11.50
CA ALA A 179 18.42 -23.45 12.01
C ALA A 179 19.51 -22.40 12.03
N ARG A 180 19.59 -21.57 10.99
CA ARG A 180 20.62 -20.56 10.95
C ARG A 180 20.68 -19.71 12.22
N TYR A 181 19.53 -19.27 12.72
CA TYR A 181 19.52 -18.42 13.91
C TYR A 181 19.17 -19.08 15.25
N ALA A 182 18.97 -20.39 15.23
CA ALA A 182 18.63 -21.11 16.46
C ALA A 182 19.73 -21.02 17.51
N SER A 183 19.32 -21.07 18.77
CA SER A 183 20.25 -21.01 19.89
C SER A 183 20.95 -22.36 20.01
N ILE A 184 22.11 -22.37 20.65
CA ILE A 184 22.83 -23.61 20.84
C ILE A 184 21.95 -24.59 21.61
N ASN A 185 21.21 -24.12 22.60
CA ASN A 185 20.36 -25.06 23.36
C ASN A 185 19.21 -25.63 22.56
N THR A 186 18.71 -24.88 21.58
CA THR A 186 17.62 -25.40 20.77
C THR A 186 18.15 -26.59 19.97
N HIS A 187 19.35 -26.44 19.43
CA HIS A 187 19.97 -27.51 18.66
C HIS A 187 20.14 -28.72 19.56
N LEU A 188 20.39 -28.46 20.83
CA LEU A 188 20.60 -29.54 21.79
C LEU A 188 19.29 -30.12 22.37
N GLY A 189 18.17 -29.82 21.72
CA GLY A 189 16.88 -30.34 22.14
C GLY A 189 16.24 -29.80 23.42
N ILE A 190 16.74 -28.67 23.93
CA ILE A 190 16.18 -28.08 25.15
C ILE A 190 15.04 -27.14 24.80
N GLU A 191 13.96 -27.22 25.57
CA GLU A 191 12.79 -26.38 25.39
C GLU A 191 13.22 -24.91 25.31
N GLN A 192 12.70 -24.16 24.35
CA GLN A 192 13.06 -22.76 24.22
C GLN A 192 12.34 -21.90 25.26
N SER A 193 13.00 -20.82 25.68
CA SER A 193 12.41 -19.91 26.64
C SER A 193 12.81 -18.49 26.22
N ARG A 194 12.68 -17.51 27.12
CA ARG A 194 13.01 -16.13 26.76
C ARG A 194 14.42 -15.93 26.24
N ARG A 195 15.38 -16.50 26.96
CA ARG A 195 16.78 -16.40 26.60
C ARG A 195 17.04 -16.77 25.14
N ASP A 196 16.32 -17.77 24.64
CA ASP A 196 16.52 -18.21 23.26
C ASP A 196 16.11 -17.23 22.18
N ASP A 197 15.01 -16.50 22.39
CA ASP A 197 14.59 -15.52 21.39
C ASP A 197 15.71 -14.49 21.27
N LEU A 198 16.27 -14.10 22.42
CA LEU A 198 17.34 -13.11 22.48
C LEU A 198 18.66 -13.58 21.91
N GLU A 199 19.03 -14.84 22.16
CA GLU A 199 20.28 -15.34 21.62
C GLU A 199 20.16 -15.32 20.10
N SER A 200 19.01 -15.73 19.60
CA SER A 200 18.78 -15.73 18.15
C SER A 200 18.99 -14.31 17.63
N LEU A 201 18.46 -13.32 18.34
CA LEU A 201 18.61 -11.92 17.91
C LEU A 201 20.10 -11.58 17.81
N GLY A 202 20.88 -12.16 18.72
CA GLY A 202 22.32 -11.92 18.73
C GLY A 202 22.98 -12.39 17.46
N TYR A 203 22.56 -13.55 16.96
CA TYR A 203 23.13 -14.08 15.72
C TYR A 203 22.65 -13.25 14.55
N VAL A 204 21.42 -12.75 14.68
CA VAL A 204 20.86 -11.90 13.64
C VAL A 204 21.68 -10.62 13.53
N LEU A 205 21.98 -10.01 14.67
CA LEU A 205 22.79 -8.79 14.66
C LEU A 205 24.17 -9.04 14.04
N MET A 206 24.82 -10.13 14.45
CA MET A 206 26.14 -10.44 13.91
C MET A 206 26.06 -10.76 12.42
N TYR A 207 24.94 -11.31 11.99
CA TYR A 207 24.72 -11.64 10.58
C TYR A 207 24.69 -10.32 9.81
N PHE A 208 24.02 -9.32 10.40
CA PHE A 208 23.94 -8.01 9.77
C PHE A 208 25.33 -7.36 9.72
N ASN A 209 26.13 -7.59 10.76
CA ASN A 209 27.47 -7.01 10.82
C ASN A 209 28.42 -7.66 9.81
N LEU A 210 28.43 -8.98 9.78
CA LEU A 210 29.32 -9.71 8.90
C LEU A 210 28.85 -9.85 7.45
N GLY A 211 27.54 -9.95 7.27
CA GLY A 211 27.01 -10.14 5.94
C GLY A 211 26.61 -11.61 5.82
N SER A 212 27.15 -12.42 6.73
CA SER A 212 26.85 -13.85 6.76
C SER A 212 27.36 -14.45 8.06
N LEU A 213 26.90 -15.66 8.38
CA LEU A 213 27.34 -16.36 9.58
C LEU A 213 28.24 -17.53 9.18
N PRO A 214 29.19 -17.91 10.05
CA PRO A 214 30.11 -19.01 9.76
C PRO A 214 29.50 -20.39 9.53
N TRP A 215 28.28 -20.61 10.01
CA TRP A 215 27.62 -21.90 9.84
C TRP A 215 26.61 -21.91 8.70
N GLN A 216 26.74 -20.94 7.79
CA GLN A 216 25.88 -20.82 6.63
C GLN A 216 26.53 -21.58 5.47
N GLY A 217 25.70 -21.99 4.52
CA GLY A 217 26.21 -22.68 3.35
C GLY A 217 26.94 -23.98 3.59
N LEU A 218 26.55 -24.70 4.64
CA LEU A 218 27.16 -25.98 4.96
C LEU A 218 26.34 -27.03 4.20
N LYS A 219 27.00 -27.86 3.40
CA LYS A 219 26.28 -28.87 2.64
C LYS A 219 26.20 -30.23 3.32
N ALA A 220 25.01 -30.82 3.26
CA ALA A 220 24.77 -32.14 3.84
C ALA A 220 23.69 -32.87 3.06
N ALA A 221 23.48 -34.13 3.38
CA ALA A 221 22.49 -34.96 2.69
C ALA A 221 21.03 -34.90 3.18
N THR A 222 20.77 -35.58 4.28
CA THR A 222 19.42 -35.71 4.87
C THR A 222 18.54 -34.50 5.14
N LYS A 223 19.11 -33.29 5.17
CA LYS A 223 18.34 -32.11 5.50
C LYS A 223 17.82 -32.30 6.94
N ARG A 224 18.70 -32.89 7.75
CA ARG A 224 18.49 -33.18 9.17
C ARG A 224 19.92 -33.42 9.62
N GLN A 225 20.79 -33.72 8.65
CA GLN A 225 22.19 -33.93 8.97
C GLN A 225 22.81 -32.55 8.82
N LYS A 226 22.12 -31.69 8.09
CA LYS A 226 22.56 -30.33 7.89
C LYS A 226 22.42 -29.50 9.16
N TYR A 227 21.47 -29.87 10.03
CA TYR A 227 21.29 -29.14 11.28
C TYR A 227 22.39 -29.55 12.23
N GLU A 228 22.87 -30.76 12.05
CA GLU A 228 23.96 -31.27 12.87
C GLU A 228 25.22 -30.50 12.60
N ARG A 229 25.51 -30.25 11.33
CA ARG A 229 26.71 -29.49 10.94
C ARG A 229 26.61 -28.08 11.51
N ILE A 230 25.43 -27.48 11.38
CA ILE A 230 25.20 -26.14 11.89
C ILE A 230 25.41 -26.11 13.40
N SER A 231 24.87 -27.11 14.10
CA SER A 231 25.02 -27.21 15.54
C SER A 231 26.48 -27.28 15.97
N GLU A 232 27.21 -28.22 15.37
CA GLU A 232 28.63 -28.40 15.69
C GLU A 232 29.42 -27.14 15.41
N LYS A 233 29.17 -26.52 14.27
CA LYS A 233 29.87 -25.29 13.89
C LYS A 233 29.58 -24.19 14.90
N LYS A 234 28.31 -24.13 15.32
CA LYS A 234 27.86 -23.13 16.27
C LYS A 234 28.58 -23.34 17.62
N MET A 235 28.76 -24.60 18.01
CA MET A 235 29.43 -24.88 19.28
C MET A 235 30.96 -24.84 19.14
N SER A 236 31.45 -24.84 17.90
CA SER A 236 32.89 -24.83 17.64
C SER A 236 33.44 -23.44 17.38
N THR A 237 32.55 -22.47 17.29
CA THR A 237 32.93 -21.10 17.03
C THR A 237 32.77 -20.25 18.27
N PRO A 238 33.87 -20.04 19.00
CA PRO A 238 33.81 -19.21 20.21
C PRO A 238 33.25 -17.83 19.89
N ILE A 239 32.53 -17.25 20.84
CA ILE A 239 31.93 -15.93 20.65
C ILE A 239 32.92 -14.83 20.28
N GLU A 240 34.10 -14.85 20.89
CA GLU A 240 35.14 -13.86 20.61
C GLU A 240 35.60 -13.96 19.17
N VAL A 241 35.54 -15.17 18.62
CA VAL A 241 35.95 -15.35 17.24
C VAL A 241 34.84 -14.85 16.36
N LEU A 242 33.62 -15.27 16.68
CA LEU A 242 32.45 -14.85 15.92
C LEU A 242 32.34 -13.33 15.82
N CYS A 243 32.67 -12.62 16.89
CA CYS A 243 32.55 -11.16 16.91
C CYS A 243 33.87 -10.42 16.81
N LYS A 244 34.90 -11.11 16.35
CA LYS A 244 36.23 -10.54 16.22
C LYS A 244 36.26 -9.41 15.19
N GLY A 245 36.74 -8.25 15.64
CA GLY A 245 36.83 -7.09 14.78
C GLY A 245 35.65 -6.16 14.91
N TYR A 246 34.72 -6.52 15.80
CA TYR A 246 33.53 -5.71 16.00
C TYR A 246 33.45 -5.30 17.46
N PRO A 247 32.68 -4.24 17.77
CA PRO A 247 32.49 -3.73 19.13
C PRO A 247 32.25 -4.87 20.12
N SER A 248 32.93 -4.81 21.26
CA SER A 248 32.79 -5.88 22.25
C SER A 248 31.37 -6.09 22.74
N GLU A 249 30.52 -5.09 22.56
CA GLU A 249 29.13 -5.19 22.97
C GLU A 249 28.42 -6.41 22.37
N PHE A 250 28.74 -6.73 21.12
CA PHE A 250 28.09 -7.86 20.49
C PHE A 250 28.44 -9.18 21.18
N ALA A 251 29.70 -9.32 21.58
CA ALA A 251 30.11 -10.53 22.28
C ALA A 251 29.54 -10.55 23.69
N THR A 252 29.47 -9.38 24.31
CA THR A 252 28.92 -9.28 25.66
C THR A 252 27.45 -9.68 25.61
N TYR A 253 26.75 -9.20 24.60
CA TYR A 253 25.34 -9.50 24.43
C TYR A 253 25.12 -11.01 24.30
N LEU A 254 25.87 -11.66 23.41
CA LEU A 254 25.71 -13.11 23.22
C LEU A 254 26.08 -13.94 24.44
N ASN A 255 27.10 -13.51 25.19
CA ASN A 255 27.52 -14.24 26.38
C ASN A 255 26.44 -14.15 27.45
N PHE A 256 25.85 -12.97 27.55
CA PHE A 256 24.79 -12.72 28.52
C PHE A 256 23.65 -13.68 28.20
N CYS A 257 23.31 -13.77 26.91
CA CYS A 257 22.22 -14.64 26.50
C CYS A 257 22.45 -16.11 26.83
N ARG A 258 23.67 -16.59 26.61
CA ARG A 258 23.95 -17.99 26.89
C ARG A 258 24.08 -18.27 28.40
N SER A 259 24.27 -17.23 29.18
CA SER A 259 24.40 -17.36 30.65
C SER A 259 23.06 -17.33 31.35
N LEU A 260 22.00 -17.05 30.60
CA LEU A 260 20.69 -16.99 31.19
C LEU A 260 20.21 -18.40 31.51
N ARG A 261 19.73 -18.57 32.75
CA ARG A 261 19.20 -19.84 33.22
C ARG A 261 17.87 -20.01 32.47
N PHE A 262 17.47 -21.25 32.23
CA PHE A 262 16.24 -21.52 31.49
C PHE A 262 15.05 -20.62 31.82
N ASP A 263 14.79 -20.38 33.11
CA ASP A 263 13.65 -19.56 33.47
C ASP A 263 13.91 -18.12 33.88
N ASP A 264 15.16 -17.67 33.76
CA ASP A 264 15.53 -16.31 34.11
C ASP A 264 14.78 -15.28 33.31
N LYS A 265 14.52 -14.13 33.93
CA LYS A 265 13.88 -13.01 33.25
C LYS A 265 15.06 -12.19 32.75
N PRO A 266 15.22 -12.06 31.42
CA PRO A 266 16.35 -11.30 30.86
C PRO A 266 16.28 -9.84 31.25
N ASP A 267 17.45 -9.25 31.49
CA ASP A 267 17.50 -7.83 31.83
C ASP A 267 17.59 -7.08 30.51
N TYR A 268 16.45 -6.89 29.85
CA TYR A 268 16.39 -6.19 28.57
C TYR A 268 17.05 -4.82 28.61
N SER A 269 16.82 -4.05 29.67
CA SER A 269 17.40 -2.72 29.81
C SER A 269 18.92 -2.74 29.69
N TYR A 270 19.55 -3.71 30.36
CA TYR A 270 21.00 -3.81 30.31
C TYR A 270 21.44 -3.98 28.85
N LEU A 271 20.84 -4.94 28.16
CA LEU A 271 21.19 -5.20 26.76
C LEU A 271 21.04 -3.96 25.88
N ARG A 272 19.96 -3.21 26.04
CA ARG A 272 19.76 -2.00 25.26
C ARG A 272 20.83 -0.97 25.60
N GLN A 273 21.08 -0.82 26.90
CA GLN A 273 22.08 0.12 27.39
C GLN A 273 23.45 -0.20 26.81
N LEU A 274 23.74 -1.49 26.63
CA LEU A 274 25.01 -1.91 26.06
C LEU A 274 25.18 -1.24 24.70
N PHE A 275 24.15 -1.38 23.88
CA PHE A 275 24.18 -0.80 22.54
C PHE A 275 24.01 0.72 22.55
N ARG A 276 23.23 1.27 23.49
CA ARG A 276 23.05 2.73 23.56
C ARG A 276 24.34 3.42 23.91
N ASN A 277 25.04 2.91 24.90
CA ASN A 277 26.32 3.49 25.32
C ASN A 277 27.30 3.45 24.16
N LEU A 278 27.27 2.34 23.42
CA LEU A 278 28.16 2.19 22.28
C LEU A 278 27.79 3.21 21.21
N PHE A 279 26.50 3.44 21.05
CA PHE A 279 25.99 4.39 20.08
C PHE A 279 26.53 5.78 20.45
N HIS A 280 26.36 6.15 21.72
CA HIS A 280 26.83 7.44 22.22
C HIS A 280 28.34 7.59 22.02
N ARG A 281 29.09 6.56 22.40
CA ARG A 281 30.54 6.61 22.28
C ARG A 281 31.05 6.70 20.85
N GLN A 282 30.28 6.17 19.90
CA GLN A 282 30.67 6.20 18.49
C GLN A 282 30.44 7.58 17.90
N GLY A 283 29.60 8.37 18.57
CA GLY A 283 29.31 9.71 18.10
C GLY A 283 28.27 9.78 16.99
N PHE A 284 27.40 8.78 16.90
CA PHE A 284 26.36 8.76 15.86
C PHE A 284 25.24 9.75 16.20
N SER A 285 24.67 10.37 15.18
CA SER A 285 23.60 11.35 15.38
C SER A 285 22.22 10.69 15.60
N TYR A 286 21.45 11.22 16.54
CA TYR A 286 20.15 10.67 16.87
C TYR A 286 19.05 11.09 15.90
N ASP A 287 19.31 10.95 14.60
CA ASP A 287 18.31 11.33 13.60
C ASP A 287 17.52 10.13 13.12
N TYR A 288 17.94 8.94 13.57
CA TYR A 288 17.26 7.70 13.21
C TYR A 288 17.24 7.44 11.71
N VAL A 289 18.36 7.68 11.05
CA VAL A 289 18.46 7.44 9.61
C VAL A 289 19.14 6.08 9.33
N PHE A 290 18.35 5.12 8.88
CA PHE A 290 18.85 3.77 8.56
C PHE A 290 19.56 3.83 7.22
N ASP A 291 20.33 2.79 6.90
CA ASP A 291 21.05 2.76 5.63
C ASP A 291 20.13 2.89 4.42
N TRP A 292 18.98 2.21 4.46
CA TRP A 292 18.05 2.21 3.35
C TRP A 292 17.35 3.55 3.13
N ASN A 293 17.39 4.42 4.15
CA ASN A 293 16.77 5.73 4.05
C ASN A 293 17.62 6.61 3.13
N MET A 294 18.81 6.13 2.78
CA MET A 294 19.71 6.90 1.92
C MET A 294 19.80 6.41 0.48
N LEU A 295 18.95 5.45 0.12
CA LEU A 295 18.94 4.92 -1.24
C LEU A 295 18.34 6.00 -2.17
N LYS A 296 19.01 6.28 -3.28
CA LYS A 296 18.52 7.32 -4.18
C LYS A 296 18.20 6.83 -5.59
N GLU B 4 11.15 -10.08 -5.89
CA GLU B 4 10.35 -8.90 -6.36
C GLU B 4 11.14 -7.95 -7.24
N LEU B 5 10.39 -7.04 -7.85
CA LEU B 5 10.93 -6.06 -8.76
C LEU B 5 11.13 -4.72 -8.10
N ARG B 6 12.26 -4.11 -8.38
CA ARG B 6 12.53 -2.81 -7.83
C ARG B 6 12.75 -1.97 -9.06
N VAL B 7 12.43 -0.70 -8.95
CA VAL B 7 12.70 0.19 -10.06
C VAL B 7 13.75 1.19 -9.57
N GLY B 8 14.97 1.08 -10.06
CA GLY B 8 16.01 1.96 -9.55
C GLY B 8 16.34 1.31 -8.23
N ASN B 9 16.87 2.08 -7.28
CA ASN B 9 17.22 1.51 -5.98
C ASN B 9 16.24 1.88 -4.87
N ARG B 10 15.42 2.88 -5.12
CA ARG B 10 14.47 3.41 -4.17
C ARG B 10 13.04 2.83 -4.14
N TYR B 11 12.56 2.26 -5.26
CA TYR B 11 11.18 1.78 -5.31
C TYR B 11 10.90 0.28 -5.54
N ARG B 12 10.09 -0.32 -4.66
CA ARG B 12 9.75 -1.73 -4.79
C ARG B 12 8.32 -1.85 -5.30
N LEU B 13 8.12 -2.58 -6.40
CA LEU B 13 6.77 -2.74 -6.96
C LEU B 13 5.87 -3.69 -6.22
N GLY B 14 4.62 -3.27 -6.09
CA GLY B 14 3.61 -4.06 -5.43
C GLY B 14 2.58 -4.53 -6.43
N ARG B 15 1.38 -3.97 -6.35
CA ARG B 15 0.32 -4.37 -7.27
C ARG B 15 0.31 -3.59 -8.60
N LYS B 16 0.03 -4.27 -9.70
CA LYS B 16 -0.03 -3.52 -10.96
C LYS B 16 -1.51 -3.16 -11.08
N ILE B 17 -1.83 -1.87 -11.16
CA ILE B 17 -3.22 -1.40 -11.18
C ILE B 17 -3.55 -0.61 -12.44
N ASP B 24 3.07 1.60 -17.80
CA ASP B 24 2.22 0.84 -16.89
C ASP B 24 2.13 1.55 -15.53
N ILE B 25 1.13 1.17 -14.73
CA ILE B 25 0.90 1.76 -13.43
C ILE B 25 0.86 0.73 -12.30
N TYR B 26 1.70 0.97 -11.29
CA TYR B 26 1.83 0.04 -10.16
C TYR B 26 1.67 0.71 -8.82
N LEU B 27 1.44 -0.12 -7.81
CA LEU B 27 1.36 0.37 -6.45
C LEU B 27 2.69 -0.14 -5.90
N GLY B 28 3.30 0.56 -4.95
CA GLY B 28 4.57 0.08 -4.45
C GLY B 28 5.05 0.80 -3.23
N THR B 29 6.28 0.49 -2.83
CA THR B 29 6.90 1.10 -1.67
C THR B 29 8.14 1.92 -2.01
N ASP B 30 8.23 3.10 -1.44
CA ASP B 30 9.39 3.96 -1.61
C ASP B 30 10.19 3.54 -0.38
N ILE B 31 11.13 2.63 -0.60
CA ILE B 31 11.93 2.13 0.51
C ILE B 31 12.60 3.21 1.34
N ALA B 32 13.12 4.21 0.66
CA ALA B 32 13.81 5.33 1.29
C ALA B 32 12.98 6.11 2.28
N ALA B 33 11.78 6.49 1.88
CA ALA B 33 10.92 7.27 2.77
C ALA B 33 9.93 6.45 3.59
N GLY B 34 9.93 5.13 3.38
CA GLY B 34 9.04 4.25 4.10
C GLY B 34 7.60 4.61 3.84
N GLU B 35 7.26 4.83 2.59
CA GLU B 35 5.91 5.22 2.21
C GLU B 35 5.35 4.44 1.03
N GLU B 36 4.05 4.15 1.05
CA GLU B 36 3.46 3.47 -0.09
C GLU B 36 3.13 4.52 -1.13
N VAL B 37 3.40 4.22 -2.39
CA VAL B 37 3.15 5.18 -3.43
C VAL B 37 2.56 4.53 -4.67
N ALA B 38 2.15 5.37 -5.61
CA ALA B 38 1.64 4.88 -6.88
C ALA B 38 2.81 5.15 -7.81
N ILE B 39 3.05 4.24 -8.75
CA ILE B 39 4.17 4.43 -9.66
C ILE B 39 3.74 4.31 -11.13
N LYS B 40 3.95 5.37 -11.94
CA LYS B 40 3.60 5.35 -13.38
C LYS B 40 4.88 5.22 -14.21
N LEU B 41 4.87 4.29 -15.16
CA LEU B 41 6.06 4.04 -15.96
C LEU B 41 5.94 4.19 -17.47
N GLU B 42 6.90 4.84 -18.11
CA GLU B 42 6.90 4.99 -19.55
C GLU B 42 8.26 4.52 -20.12
N CYS B 43 8.27 3.84 -21.28
CA CYS B 43 9.55 3.40 -21.91
C CYS B 43 10.11 4.53 -22.76
N VAL B 44 11.41 4.76 -22.66
CA VAL B 44 12.05 5.76 -23.50
C VAL B 44 12.35 5.08 -24.86
N GLN B 50 3.73 12.37 -23.63
CA GLN B 50 4.33 11.26 -22.90
C GLN B 50 4.24 11.56 -21.41
N LEU B 51 4.87 10.74 -20.58
CA LEU B 51 4.88 10.88 -19.12
C LEU B 51 5.49 12.15 -18.58
N HIS B 52 6.56 12.66 -19.17
CA HIS B 52 7.12 13.89 -18.62
C HIS B 52 6.19 15.09 -18.80
N ILE B 53 5.43 15.11 -19.89
CA ILE B 53 4.53 16.24 -20.11
C ILE B 53 3.25 16.15 -19.24
N GLU B 54 2.83 14.94 -18.89
CA GLU B 54 1.70 14.71 -17.99
C GLU B 54 2.22 15.18 -16.62
N SER B 55 3.48 14.85 -16.29
CA SER B 55 4.10 15.24 -14.99
C SER B 55 4.14 16.73 -14.82
N LYS B 56 4.41 17.45 -15.90
CA LYS B 56 4.45 18.90 -15.81
C LYS B 56 3.05 19.41 -15.53
N ILE B 57 2.04 18.79 -16.16
CA ILE B 57 0.65 19.18 -15.96
C ILE B 57 0.31 19.00 -14.47
N TYR B 58 0.59 17.83 -13.92
CA TYR B 58 0.32 17.61 -12.51
C TYR B 58 1.03 18.70 -11.72
N LYS B 59 2.27 18.98 -12.10
CA LYS B 59 3.06 19.97 -11.39
C LYS B 59 2.44 21.36 -11.51
N MET B 60 1.89 21.71 -12.67
CA MET B 60 1.27 23.02 -12.82
C MET B 60 -0.03 23.09 -12.01
N MET B 61 -0.60 21.92 -11.75
CA MET B 61 -1.83 21.79 -11.00
C MET B 61 -1.61 21.62 -9.50
N GLN B 62 -0.41 21.22 -9.08
CA GLN B 62 -0.19 20.99 -7.65
C GLN B 62 -0.76 22.08 -6.73
N GLY B 63 -1.30 21.72 -5.57
CA GLY B 63 -1.86 22.71 -4.68
C GLY B 63 -3.38 22.80 -4.71
N GLY B 64 -3.94 22.41 -5.85
CA GLY B 64 -5.39 22.43 -5.99
C GLY B 64 -6.02 21.31 -5.19
N VAL B 65 -7.26 21.54 -4.76
CA VAL B 65 -7.95 20.54 -3.97
C VAL B 65 -8.21 19.30 -4.85
N GLY B 66 -8.04 18.11 -4.28
CA GLY B 66 -8.27 16.89 -5.06
C GLY B 66 -7.25 16.61 -6.14
N ILE B 67 -6.07 17.22 -6.04
CA ILE B 67 -5.00 16.98 -7.01
C ILE B 67 -3.86 16.23 -6.31
N PRO B 68 -3.55 15.01 -6.76
CA PRO B 68 -2.47 14.28 -6.09
C PRO B 68 -1.14 14.96 -6.36
N THR B 69 -0.21 14.83 -5.42
CA THR B 69 1.10 15.42 -5.60
C THR B 69 1.98 14.44 -6.34
N ILE B 70 2.93 14.95 -7.08
CA ILE B 70 3.85 14.11 -7.80
C ILE B 70 5.14 14.22 -7.03
N ARG B 71 5.56 13.07 -6.49
CA ARG B 71 6.75 13.00 -5.62
C ARG B 71 8.06 12.98 -6.36
N TRP B 72 8.14 12.13 -7.36
CA TRP B 72 9.34 12.02 -8.09
C TRP B 72 9.06 11.89 -9.54
N CYS B 73 9.99 12.41 -10.32
CA CYS B 73 9.92 12.34 -11.77
C CYS B 73 11.37 12.14 -12.19
N GLY B 74 11.62 11.14 -13.02
CA GLY B 74 12.98 10.90 -13.44
C GLY B 74 13.11 9.68 -14.33
N ALA B 75 14.34 9.43 -14.79
CA ALA B 75 14.65 8.28 -15.65
C ALA B 75 15.38 7.18 -14.92
N GLU B 76 14.92 5.95 -15.10
CA GLU B 76 15.58 4.86 -14.43
C GLU B 76 15.64 3.67 -15.35
N GLY B 77 16.85 3.24 -15.69
CA GLY B 77 17.03 2.08 -16.55
C GLY B 77 16.50 2.23 -17.95
N ASP B 78 15.50 1.39 -18.19
CA ASP B 78 14.81 1.33 -19.46
C ASP B 78 13.53 2.15 -19.35
N TYR B 79 13.17 2.64 -18.17
CA TYR B 79 11.91 3.37 -18.06
C TYR B 79 11.96 4.80 -17.56
N ASN B 80 10.90 5.56 -17.86
CA ASN B 80 10.74 6.91 -17.36
C ASN B 80 9.82 6.68 -16.18
N VAL B 81 10.18 7.27 -15.06
CA VAL B 81 9.40 7.02 -13.90
C VAL B 81 8.78 8.26 -13.29
N MET B 82 7.51 8.12 -12.90
CA MET B 82 6.75 9.18 -12.17
C MET B 82 6.15 8.52 -10.92
N VAL B 83 6.43 9.12 -9.78
CA VAL B 83 5.87 8.54 -8.61
C VAL B 83 4.80 9.50 -8.08
N MET B 84 3.65 8.98 -7.67
CA MET B 84 2.56 9.84 -7.17
C MET B 84 2.07 9.44 -5.79
N GLU B 85 1.42 10.41 -5.17
CA GLU B 85 0.83 10.21 -3.85
C GLU B 85 -0.22 9.13 -4.03
N LEU B 86 -0.21 8.15 -3.16
CA LEU B 86 -1.16 7.04 -3.24
C LEU B 86 -2.54 7.50 -2.79
N LEU B 87 -3.56 7.14 -3.56
CA LEU B 87 -4.95 7.50 -3.22
C LEU B 87 -5.74 6.23 -2.90
N GLY B 88 -7.06 6.37 -2.83
CA GLY B 88 -7.91 5.24 -2.50
C GLY B 88 -8.66 4.62 -3.67
N PRO B 89 -9.92 4.22 -3.45
CA PRO B 89 -10.74 3.59 -4.50
C PRO B 89 -11.28 4.52 -5.58
N SER B 90 -11.34 4.02 -6.81
CA SER B 90 -11.87 4.79 -7.92
C SER B 90 -13.40 4.73 -7.81
N LEU B 91 -14.09 5.68 -8.44
CA LEU B 91 -15.54 5.68 -8.39
C LEU B 91 -16.11 4.48 -9.16
N GLU B 92 -15.40 4.05 -10.20
CA GLU B 92 -15.82 2.89 -11.01
C GLU B 92 -15.73 1.63 -10.12
N ASP B 93 -14.64 1.46 -9.39
CA ASP B 93 -14.53 0.29 -8.52
C ASP B 93 -15.55 0.33 -7.39
N LEU B 94 -15.86 1.52 -6.90
CA LEU B 94 -16.84 1.64 -5.82
C LEU B 94 -18.25 1.41 -6.36
N PHE B 95 -18.49 1.82 -7.59
CA PHE B 95 -19.80 1.65 -8.20
C PHE B 95 -20.08 0.16 -8.33
N ASN B 96 -19.08 -0.59 -8.78
CA ASN B 96 -19.23 -2.04 -8.93
C ASN B 96 -19.39 -2.71 -7.57
N PHE B 97 -18.77 -2.12 -6.55
CA PHE B 97 -18.86 -2.67 -5.20
C PHE B 97 -20.30 -2.52 -4.70
N CYS B 98 -20.96 -1.45 -5.11
CA CYS B 98 -22.34 -1.20 -4.70
C CYS B 98 -23.34 -1.77 -5.70
N SER B 99 -22.88 -2.75 -6.46
CA SER B 99 -23.71 -3.42 -7.46
C SER B 99 -24.27 -2.42 -8.46
N ARG B 100 -23.50 -1.36 -8.70
CA ARG B 100 -23.88 -0.34 -9.65
C ARG B 100 -25.24 0.24 -9.31
N LYS B 101 -25.37 0.60 -8.04
CA LYS B 101 -26.58 1.19 -7.51
C LYS B 101 -26.17 2.27 -6.51
N PHE B 102 -26.24 3.53 -6.96
CA PHE B 102 -25.91 4.70 -6.13
C PHE B 102 -27.22 5.45 -5.83
N SER B 103 -27.35 5.96 -4.61
CA SER B 103 -28.55 6.71 -4.25
C SER B 103 -28.42 8.10 -4.88
N LEU B 104 -29.54 8.82 -4.98
CA LEU B 104 -29.51 10.17 -5.55
C LEU B 104 -28.55 11.01 -4.70
N LYS B 105 -28.60 10.83 -3.39
CA LYS B 105 -27.72 11.60 -2.51
C LYS B 105 -26.25 11.46 -2.89
N THR B 106 -25.77 10.22 -3.01
CA THR B 106 -24.37 10.01 -3.37
C THR B 106 -24.04 10.58 -4.75
N VAL B 107 -24.95 10.43 -5.70
CA VAL B 107 -24.71 10.99 -7.03
C VAL B 107 -24.49 12.49 -6.90
N LEU B 108 -25.34 13.15 -6.11
CA LEU B 108 -25.25 14.60 -5.91
C LEU B 108 -23.99 15.02 -5.12
N LEU B 109 -23.61 14.22 -4.14
CA LEU B 109 -22.42 14.51 -3.36
C LEU B 109 -21.20 14.42 -4.29
N LEU B 110 -21.22 13.46 -5.21
CA LEU B 110 -20.09 13.31 -6.14
C LEU B 110 -20.12 14.43 -7.19
N ALA B 111 -21.30 14.70 -7.71
CA ALA B 111 -21.48 15.75 -8.71
C ALA B 111 -20.88 17.07 -8.25
N ASP B 112 -21.12 17.44 -7.01
CA ASP B 112 -20.62 18.71 -6.50
C ASP B 112 -19.10 18.82 -6.60
N GLN B 113 -18.39 17.80 -6.13
CA GLN B 113 -16.93 17.82 -6.18
C GLN B 113 -16.39 17.66 -7.60
N MET B 114 -17.02 16.80 -8.38
CA MET B 114 -16.55 16.58 -9.75
C MET B 114 -16.61 17.84 -10.60
N ILE B 115 -17.67 18.63 -10.43
CA ILE B 115 -17.80 19.88 -11.19
C ILE B 115 -16.66 20.80 -10.73
N SER B 116 -16.38 20.78 -9.43
CA SER B 116 -15.32 21.60 -8.86
C SER B 116 -13.91 21.23 -9.33
N ARG B 117 -13.60 19.94 -9.41
CA ARG B 117 -12.26 19.55 -9.87
C ARG B 117 -12.10 20.05 -11.30
N ILE B 118 -13.12 19.78 -12.10
CA ILE B 118 -13.06 20.19 -13.49
C ILE B 118 -12.90 21.70 -13.61
N GLU B 119 -13.67 22.45 -12.84
CA GLU B 119 -13.54 23.90 -12.90
C GLU B 119 -12.10 24.30 -12.54
N TYR B 120 -11.50 23.59 -11.60
CA TYR B 120 -10.13 23.88 -11.19
C TYR B 120 -9.14 23.61 -12.31
N ILE B 121 -9.25 22.44 -12.94
CA ILE B 121 -8.35 22.09 -14.03
C ILE B 121 -8.48 23.18 -15.09
N HIS B 122 -9.72 23.55 -15.40
CA HIS B 122 -9.97 24.60 -16.38
C HIS B 122 -9.36 25.94 -15.96
N SER B 123 -9.38 26.23 -14.66
CA SER B 123 -8.82 27.49 -14.19
C SER B 123 -7.31 27.49 -14.40
N LYS B 124 -6.73 26.31 -14.51
CA LYS B 124 -5.28 26.22 -14.71
C LYS B 124 -4.92 26.12 -16.19
N ASN B 125 -5.88 26.46 -17.05
CA ASN B 125 -5.70 26.49 -18.50
C ASN B 125 -5.72 25.17 -19.25
N PHE B 126 -6.11 24.09 -18.60
CA PHE B 126 -6.13 22.79 -19.27
C PHE B 126 -7.50 22.11 -19.30
N ILE B 127 -7.67 21.18 -20.24
CA ILE B 127 -8.89 20.36 -20.32
C ILE B 127 -8.38 18.95 -20.06
N HIS B 128 -9.21 18.13 -19.43
CA HIS B 128 -8.82 16.77 -19.08
C HIS B 128 -8.94 15.81 -20.26
N ARG B 129 -10.10 15.84 -20.90
CA ARG B 129 -10.44 15.02 -22.06
C ARG B 129 -10.67 13.55 -21.80
N ASP B 130 -10.68 13.13 -20.54
CA ASP B 130 -10.96 11.73 -20.23
C ASP B 130 -11.70 11.58 -18.92
N VAL B 131 -12.80 12.31 -18.82
CA VAL B 131 -13.64 12.27 -17.64
C VAL B 131 -14.47 10.99 -17.67
N LYS B 132 -14.20 10.13 -16.70
CA LYS B 132 -14.88 8.85 -16.57
C LYS B 132 -14.67 8.38 -15.14
N PRO B 133 -15.55 7.50 -14.64
CA PRO B 133 -15.44 6.99 -13.26
C PRO B 133 -14.05 6.49 -12.86
N ASP B 134 -13.34 5.80 -13.76
CA ASP B 134 -12.00 5.32 -13.48
C ASP B 134 -11.03 6.42 -13.07
N ASN B 135 -11.26 7.62 -13.58
CA ASN B 135 -10.35 8.73 -13.30
C ASN B 135 -10.62 9.63 -12.12
N PHE B 136 -11.54 9.20 -11.26
CA PHE B 136 -11.88 9.94 -10.04
C PHE B 136 -11.72 8.95 -8.90
N LEU B 137 -10.84 9.28 -7.96
CA LEU B 137 -10.56 8.43 -6.80
C LEU B 137 -10.83 9.16 -5.48
N MET B 138 -11.21 8.39 -4.45
CA MET B 138 -11.45 8.95 -3.14
C MET B 138 -10.11 8.89 -2.43
N GLY B 139 -9.87 9.82 -1.53
CA GLY B 139 -8.61 9.82 -0.82
C GLY B 139 -8.57 8.74 0.26
N LEU B 140 -7.49 8.72 1.02
CA LEU B 140 -7.32 7.76 2.11
C LEU B 140 -7.28 8.51 3.43
N GLY B 141 -7.65 7.84 4.51
CA GLY B 141 -7.64 8.47 5.82
C GLY B 141 -8.61 9.63 5.98
N LYS B 142 -8.23 10.65 6.75
CA LYS B 142 -9.07 11.82 6.97
C LYS B 142 -9.44 12.51 5.68
N LYS B 143 -8.96 11.98 4.56
CA LYS B 143 -9.31 12.59 3.28
C LYS B 143 -10.09 11.63 2.38
N GLY B 144 -10.76 10.70 3.03
CA GLY B 144 -11.57 9.73 2.33
C GLY B 144 -12.89 10.31 1.80
N ASN B 145 -13.22 11.54 2.14
CA ASN B 145 -14.47 12.13 1.65
C ASN B 145 -14.17 13.13 0.55
N LEU B 146 -12.93 13.11 0.07
CA LEU B 146 -12.52 14.03 -0.97
C LEU B 146 -12.30 13.29 -2.27
N VAL B 147 -12.89 13.80 -3.35
CA VAL B 147 -12.74 13.18 -4.65
C VAL B 147 -11.57 13.81 -5.38
N TYR B 148 -10.61 12.99 -5.80
CA TYR B 148 -9.46 13.49 -6.53
C TYR B 148 -9.70 13.17 -7.99
N ILE B 149 -8.94 13.82 -8.86
CA ILE B 149 -9.05 13.52 -10.27
C ILE B 149 -7.65 13.07 -10.68
N ILE B 150 -7.58 12.07 -11.55
CA ILE B 150 -6.28 11.56 -11.98
C ILE B 150 -6.15 11.38 -13.48
N ASP B 151 -4.93 11.04 -13.89
CA ASP B 151 -4.58 10.76 -15.28
C ASP B 151 -4.70 11.94 -16.22
N PHE B 152 -3.62 12.70 -16.33
CA PHE B 152 -3.59 13.86 -17.22
C PHE B 152 -2.87 13.47 -18.50
N GLY B 153 -2.81 12.16 -18.76
CA GLY B 153 -2.16 11.66 -19.96
C GLY B 153 -2.78 12.16 -21.24
N LEU B 154 -4.04 12.56 -21.21
CA LEU B 154 -4.69 13.06 -22.42
C LEU B 154 -5.06 14.54 -22.29
N ALA B 155 -4.65 15.17 -21.19
CA ALA B 155 -4.96 16.58 -20.97
C ALA B 155 -4.29 17.45 -22.03
N LYS B 156 -4.88 18.62 -22.30
CA LYS B 156 -4.37 19.55 -23.29
C LYS B 156 -4.63 20.99 -22.85
N LYS B 157 -3.67 21.87 -23.09
CA LYS B 157 -3.83 23.27 -22.75
C LYS B 157 -4.87 23.78 -23.75
N TYR B 158 -5.84 24.55 -23.27
CA TYR B 158 -6.88 25.05 -24.15
C TYR B 158 -6.88 26.59 -24.29
N ARG B 159 -6.00 27.25 -23.54
CA ARG B 159 -5.93 28.72 -23.59
C ARG B 159 -4.58 29.19 -23.04
N ASP B 160 -4.15 30.37 -23.48
CA ASP B 160 -2.88 30.93 -23.01
C ASP B 160 -3.10 31.33 -21.55
N ALA B 161 -2.13 31.03 -20.70
CA ALA B 161 -2.24 31.37 -19.28
C ALA B 161 -2.38 32.87 -19.06
N ARG B 162 -1.71 33.66 -19.88
CA ARG B 162 -1.77 35.12 -19.74
C ARG B 162 -2.90 35.82 -20.47
N THR B 163 -2.96 35.65 -21.79
CA THR B 163 -3.96 36.30 -22.64
C THR B 163 -5.31 35.59 -22.70
N HIS B 164 -5.36 34.34 -22.27
CA HIS B 164 -6.59 33.57 -22.32
C HIS B 164 -7.07 33.33 -23.75
N GLN B 165 -6.17 33.49 -24.73
CA GLN B 165 -6.53 33.24 -26.12
C GLN B 165 -6.85 31.76 -26.19
N HIS B 166 -8.04 31.42 -26.69
CA HIS B 166 -8.50 30.02 -26.77
C HIS B 166 -7.93 29.33 -28.01
N ILE B 167 -7.65 28.03 -27.91
CA ILE B 167 -7.13 27.30 -29.06
C ILE B 167 -8.17 27.41 -30.17
N PRO B 168 -7.76 27.21 -31.43
CA PRO B 168 -8.65 27.29 -32.58
C PRO B 168 -9.63 26.14 -32.71
N TYR B 169 -10.75 26.42 -33.33
CA TYR B 169 -11.77 25.42 -33.58
C TYR B 169 -11.20 24.59 -34.72
N ARG B 170 -11.29 23.28 -34.60
CA ARG B 170 -10.77 22.38 -35.61
C ARG B 170 -11.66 21.15 -35.71
N GLU B 171 -11.57 20.45 -36.84
CA GLU B 171 -12.34 19.25 -37.07
C GLU B 171 -11.44 18.07 -37.40
N ASN B 172 -12.06 16.96 -37.76
CA ASN B 172 -11.36 15.75 -38.11
C ASN B 172 -10.24 15.33 -37.18
N LYS B 173 -10.55 15.37 -35.89
CA LYS B 173 -9.60 15.01 -34.81
C LYS B 173 -9.66 13.50 -34.55
N ASN B 174 -8.53 12.86 -34.19
CA ASN B 174 -8.52 11.44 -33.90
C ASN B 174 -9.30 11.32 -32.59
N LEU B 175 -10.28 10.43 -32.51
CA LEU B 175 -11.08 10.29 -31.28
C LEU B 175 -10.13 10.08 -30.11
N THR B 176 -10.33 10.84 -29.02
CA THR B 176 -9.48 10.76 -27.82
C THR B 176 -10.26 10.85 -26.49
N GLY B 177 -10.36 9.71 -25.82
CA GLY B 177 -11.06 9.63 -24.55
C GLY B 177 -11.66 8.24 -24.52
N THR B 178 -12.84 8.09 -23.93
CA THR B 178 -13.51 6.81 -23.90
C THR B 178 -14.88 7.03 -24.52
N ALA B 179 -15.17 6.28 -25.58
CA ALA B 179 -16.43 6.45 -26.30
C ALA B 179 -17.67 6.50 -25.42
N ARG B 180 -17.72 5.71 -24.36
CA ARG B 180 -18.92 5.69 -23.53
C ARG B 180 -19.35 7.04 -22.97
N TYR B 181 -18.39 7.85 -22.55
CA TYR B 181 -18.71 9.15 -21.95
C TYR B 181 -18.42 10.37 -22.82
N ALA B 182 -17.90 10.13 -24.02
CA ALA B 182 -17.57 11.21 -24.95
C ALA B 182 -18.77 12.08 -25.30
N SER B 183 -18.52 13.37 -25.53
CA SER B 183 -19.57 14.29 -25.90
C SER B 183 -19.93 14.04 -27.36
N ILE B 184 -21.10 14.51 -27.77
CA ILE B 184 -21.52 14.35 -29.16
C ILE B 184 -20.49 15.01 -30.07
N ASN B 185 -20.06 16.22 -29.73
CA ASN B 185 -19.07 16.92 -30.54
C ASN B 185 -17.78 16.11 -30.67
N THR B 186 -17.36 15.45 -29.59
CA THR B 186 -16.16 14.63 -29.64
C THR B 186 -16.41 13.53 -30.68
N HIS B 187 -17.61 12.95 -30.65
CA HIS B 187 -17.97 11.91 -31.62
C HIS B 187 -17.89 12.45 -33.04
N LEU B 188 -18.11 13.75 -33.19
CA LEU B 188 -18.07 14.37 -34.52
C LEU B 188 -16.65 14.73 -34.96
N GLY B 189 -15.66 14.39 -34.14
CA GLY B 189 -14.28 14.68 -34.47
C GLY B 189 -13.88 16.12 -34.25
N ILE B 190 -14.69 16.83 -33.46
CA ILE B 190 -14.42 18.22 -33.18
C ILE B 190 -13.44 18.42 -32.04
N GLU B 191 -12.65 19.47 -32.16
CA GLU B 191 -11.65 19.82 -31.16
C GLU B 191 -12.34 19.90 -29.80
N GLN B 192 -11.81 19.21 -28.79
CA GLN B 192 -12.43 19.28 -27.48
C GLN B 192 -12.05 20.57 -26.76
N SER B 193 -12.99 21.04 -25.93
CA SER B 193 -12.79 22.24 -25.15
C SER B 193 -13.43 22.03 -23.78
N ARG B 194 -13.61 23.10 -23.00
CA ARG B 194 -14.15 22.97 -21.66
C ARG B 194 -15.51 22.29 -21.58
N ARG B 195 -16.37 22.61 -22.53
CA ARG B 195 -17.71 22.04 -22.55
C ARG B 195 -17.74 20.52 -22.51
N ASP B 196 -16.83 19.91 -23.27
CA ASP B 196 -16.75 18.47 -23.39
C ASP B 196 -16.42 17.72 -22.10
N ASP B 197 -15.58 18.29 -21.26
CA ASP B 197 -15.27 17.64 -19.99
C ASP B 197 -16.55 17.59 -19.17
N LEU B 198 -17.29 18.69 -19.20
CA LEU B 198 -18.54 18.79 -18.44
C LEU B 198 -19.66 17.93 -19.03
N GLU B 199 -19.73 17.84 -20.35
CA GLU B 199 -20.78 17.01 -20.95
C GLU B 199 -20.48 15.57 -20.55
N SER B 200 -19.20 15.22 -20.56
CA SER B 200 -18.80 13.87 -20.17
C SER B 200 -19.26 13.59 -18.75
N LEU B 201 -19.04 14.55 -17.84
CA LEU B 201 -19.45 14.37 -16.46
C LEU B 201 -20.95 14.12 -16.41
N GLY B 202 -21.68 14.78 -17.30
CA GLY B 202 -23.12 14.60 -17.38
C GLY B 202 -23.51 13.17 -17.67
N TYR B 203 -22.77 12.50 -18.55
CA TYR B 203 -23.07 11.12 -18.88
C TYR B 203 -22.65 10.21 -17.72
N VAL B 204 -21.59 10.60 -17.02
CA VAL B 204 -21.12 9.82 -15.88
C VAL B 204 -22.18 9.83 -14.79
N LEU B 205 -22.77 10.99 -14.54
CA LEU B 205 -23.80 11.09 -13.51
C LEU B 205 -25.00 10.22 -13.86
N MET B 206 -25.46 10.28 -15.11
CA MET B 206 -26.61 9.46 -15.51
C MET B 206 -26.26 7.98 -15.41
N TYR B 207 -24.99 7.68 -15.67
CA TYR B 207 -24.48 6.31 -15.56
C TYR B 207 -24.68 5.89 -14.10
N PHE B 208 -24.25 6.75 -13.17
CA PHE B 208 -24.40 6.46 -11.76
C PHE B 208 -25.86 6.28 -11.37
N ASN B 209 -26.75 7.06 -11.99
CA ASN B 209 -28.18 7.00 -11.72
C ASN B 209 -28.85 5.73 -12.24
N LEU B 210 -28.60 5.40 -13.48
CA LEU B 210 -29.23 4.25 -14.15
C LEU B 210 -28.64 2.88 -13.84
N GLY B 211 -27.32 2.81 -13.74
CA GLY B 211 -26.66 1.54 -13.49
C GLY B 211 -25.94 1.12 -14.76
N SER B 212 -26.14 1.88 -15.82
CA SER B 212 -25.52 1.65 -17.12
C SER B 212 -26.09 2.71 -18.05
N LEU B 213 -25.54 2.80 -19.26
CA LEU B 213 -26.03 3.76 -20.24
C LEU B 213 -26.62 2.96 -21.41
N PRO B 214 -27.60 3.52 -22.13
CA PRO B 214 -28.26 2.85 -23.26
C PRO B 214 -27.44 2.52 -24.52
N TRP B 215 -26.20 2.99 -24.59
CA TRP B 215 -25.33 2.72 -25.74
C TRP B 215 -24.19 1.81 -25.28
N GLN B 216 -24.38 1.23 -24.10
CA GLN B 216 -23.41 0.34 -23.49
C GLN B 216 -23.46 -1.05 -24.13
N GLY B 217 -22.34 -1.77 -24.04
CA GLY B 217 -22.27 -3.12 -24.59
C GLY B 217 -22.61 -3.28 -26.05
N LEU B 218 -21.97 -2.51 -26.92
CA LEU B 218 -22.21 -2.64 -28.35
C LEU B 218 -20.97 -3.27 -28.97
N LYS B 219 -21.20 -4.29 -29.79
CA LYS B 219 -20.11 -5.01 -30.41
C LYS B 219 -19.39 -4.27 -31.53
N ALA B 220 -18.07 -4.45 -31.59
CA ALA B 220 -17.30 -3.78 -32.61
C ALA B 220 -15.86 -4.27 -32.73
N ALA B 221 -15.42 -4.53 -33.96
CA ALA B 221 -14.08 -5.01 -34.32
C ALA B 221 -13.10 -3.88 -34.12
N THR B 222 -13.56 -2.66 -34.36
CA THR B 222 -12.67 -1.51 -34.28
C THR B 222 -13.13 -0.35 -33.38
N LYS B 223 -12.13 0.41 -32.93
CA LYS B 223 -12.31 1.56 -32.06
C LYS B 223 -13.29 2.54 -32.72
N ARG B 224 -13.00 2.86 -33.98
CA ARG B 224 -13.85 3.74 -34.78
C ARG B 224 -15.28 3.22 -34.79
N GLN B 225 -15.44 1.92 -35.00
CA GLN B 225 -16.77 1.33 -35.02
C GLN B 225 -17.46 1.47 -33.69
N LYS B 226 -16.72 1.28 -32.61
CA LYS B 226 -17.32 1.41 -31.29
C LYS B 226 -17.83 2.83 -31.14
N TYR B 227 -17.04 3.80 -31.59
CA TYR B 227 -17.45 5.19 -31.48
C TYR B 227 -18.70 5.48 -32.30
N GLU B 228 -18.75 4.92 -33.49
CA GLU B 228 -19.90 5.16 -34.34
C GLU B 228 -21.20 4.53 -33.79
N ARG B 229 -21.11 3.29 -33.29
CA ARG B 229 -22.28 2.64 -32.72
C ARG B 229 -22.79 3.43 -31.53
N ILE B 230 -21.88 3.89 -30.67
CA ILE B 230 -22.28 4.68 -29.50
C ILE B 230 -22.77 6.04 -29.96
N SER B 231 -22.02 6.67 -30.85
CA SER B 231 -22.39 7.96 -31.40
C SER B 231 -23.84 7.94 -31.91
N GLU B 232 -24.17 6.93 -32.71
CA GLU B 232 -25.52 6.82 -33.26
C GLU B 232 -26.63 6.70 -32.22
N LYS B 233 -26.38 5.99 -31.13
CA LYS B 233 -27.43 5.90 -30.15
C LYS B 233 -27.41 7.16 -29.26
N LYS B 234 -26.22 7.74 -29.07
CA LYS B 234 -26.10 8.95 -28.25
C LYS B 234 -26.82 10.12 -28.94
N MET B 235 -26.79 10.13 -30.26
CA MET B 235 -27.48 11.18 -31.01
C MET B 235 -28.96 10.83 -31.16
N SER B 236 -29.26 9.55 -31.33
CA SER B 236 -30.63 9.08 -31.50
C SER B 236 -31.51 9.17 -30.26
N THR B 237 -30.89 9.34 -29.09
CA THR B 237 -31.62 9.41 -27.82
C THR B 237 -31.67 10.82 -27.25
N PRO B 238 -32.87 11.43 -27.22
CA PRO B 238 -32.89 12.77 -26.66
C PRO B 238 -32.61 12.76 -25.16
N ILE B 239 -32.11 13.87 -24.65
CA ILE B 239 -31.77 13.98 -23.25
C ILE B 239 -32.95 13.72 -22.32
N GLU B 240 -34.15 14.13 -22.72
CA GLU B 240 -35.34 13.90 -21.88
C GLU B 240 -35.71 12.42 -21.84
N VAL B 241 -35.20 11.66 -22.81
CA VAL B 241 -35.45 10.23 -22.86
C VAL B 241 -34.37 9.54 -22.03
N LEU B 242 -33.13 9.99 -22.21
CA LEU B 242 -32.02 9.42 -21.47
C LEU B 242 -32.21 9.64 -19.97
N CYS B 243 -32.61 10.85 -19.58
CA CYS B 243 -32.78 11.15 -18.16
C CYS B 243 -34.17 10.86 -17.65
N LYS B 244 -34.91 10.05 -18.40
CA LYS B 244 -36.25 9.68 -18.03
C LYS B 244 -36.22 8.98 -16.65
N GLY B 245 -37.05 9.43 -15.73
CA GLY B 245 -37.11 8.81 -14.41
C GLY B 245 -36.23 9.36 -13.30
N TYR B 246 -35.53 10.46 -13.56
CA TYR B 246 -34.66 11.06 -12.56
C TYR B 246 -34.93 12.57 -12.53
N PRO B 247 -34.53 13.25 -11.45
CA PRO B 247 -34.75 14.71 -11.33
C PRO B 247 -34.41 15.42 -12.63
N SER B 248 -35.19 16.45 -12.97
CA SER B 248 -34.98 17.19 -14.21
C SER B 248 -33.61 17.86 -14.27
N GLU B 249 -33.00 18.06 -13.10
CA GLU B 249 -31.68 18.68 -13.01
C GLU B 249 -30.66 18.01 -13.93
N PHE B 250 -30.70 16.68 -13.98
CA PHE B 250 -29.74 15.97 -14.81
C PHE B 250 -29.91 16.29 -16.29
N ALA B 251 -31.17 16.54 -16.69
CA ALA B 251 -31.47 16.88 -18.07
C ALA B 251 -31.07 18.33 -18.34
N THR B 252 -31.34 19.21 -17.39
CA THR B 252 -30.99 20.62 -17.56
C THR B 252 -29.46 20.76 -17.67
N TYR B 253 -28.75 19.97 -16.87
CA TYR B 253 -27.28 19.99 -16.89
C TYR B 253 -26.77 19.62 -18.29
N LEU B 254 -27.12 18.42 -18.76
CA LEU B 254 -26.67 18.00 -20.09
C LEU B 254 -27.06 18.98 -21.18
N ASN B 255 -28.28 19.51 -21.14
CA ASN B 255 -28.67 20.45 -22.17
C ASN B 255 -27.78 21.67 -22.12
N PHE B 256 -27.52 22.15 -20.91
CA PHE B 256 -26.67 23.32 -20.74
C PHE B 256 -25.30 23.12 -21.36
N CYS B 257 -24.71 21.95 -21.16
CA CYS B 257 -23.40 21.65 -21.73
C CYS B 257 -23.47 21.60 -23.25
N ARG B 258 -24.52 20.96 -23.77
CA ARG B 258 -24.70 20.83 -25.21
C ARG B 258 -24.90 22.19 -25.90
N SER B 259 -25.33 23.18 -25.13
CA SER B 259 -25.58 24.53 -25.65
C SER B 259 -24.36 25.41 -25.68
N LEU B 260 -23.33 25.05 -24.93
CA LEU B 260 -22.10 25.82 -24.85
C LEU B 260 -21.38 25.95 -26.19
N ARG B 261 -20.88 27.15 -26.51
CA ARG B 261 -20.13 27.36 -27.74
C ARG B 261 -18.78 26.75 -27.47
N PHE B 262 -18.02 26.55 -28.55
CA PHE B 262 -16.70 25.97 -28.46
C PHE B 262 -15.76 26.67 -27.45
N ASP B 263 -15.69 27.99 -27.50
CA ASP B 263 -14.79 28.69 -26.59
C ASP B 263 -15.43 29.29 -25.35
N ASP B 264 -16.71 28.99 -25.11
CA ASP B 264 -17.41 29.52 -23.94
C ASP B 264 -16.81 29.08 -22.61
N LYS B 265 -16.86 29.96 -21.62
CA LYS B 265 -16.40 29.63 -20.28
C LYS B 265 -17.68 29.16 -19.60
N PRO B 266 -17.72 27.89 -19.18
CA PRO B 266 -18.92 27.34 -18.53
C PRO B 266 -19.32 28.07 -17.25
N ASP B 267 -20.62 28.10 -16.97
CA ASP B 267 -21.13 28.72 -15.76
C ASP B 267 -21.16 27.62 -14.69
N TYR B 268 -19.99 27.30 -14.15
CA TYR B 268 -19.82 26.25 -13.14
C TYR B 268 -20.70 26.40 -11.91
N SER B 269 -20.79 27.63 -11.40
CA SER B 269 -21.61 27.90 -10.22
C SER B 269 -23.09 27.59 -10.46
N TYR B 270 -23.55 27.87 -11.68
CA TYR B 270 -24.94 27.59 -12.03
C TYR B 270 -25.13 26.09 -11.95
N LEU B 271 -24.24 25.37 -12.63
CA LEU B 271 -24.29 23.92 -12.65
C LEU B 271 -24.24 23.33 -11.24
N ARG B 272 -23.31 23.79 -10.40
CA ARG B 272 -23.27 23.28 -9.03
C ARG B 272 -24.54 23.60 -8.24
N GLN B 273 -24.98 24.85 -8.30
CA GLN B 273 -26.19 25.30 -7.58
C GLN B 273 -27.41 24.52 -8.04
N LEU B 274 -27.43 24.14 -9.30
CA LEU B 274 -28.54 23.38 -9.84
C LEU B 274 -28.68 22.09 -9.03
N PHE B 275 -27.56 21.38 -8.84
CA PHE B 275 -27.61 20.13 -8.07
C PHE B 275 -27.72 20.37 -6.56
N ARG B 276 -27.12 21.45 -6.07
CA ARG B 276 -27.20 21.75 -4.64
C ARG B 276 -28.63 22.05 -4.24
N ASN B 277 -29.35 22.80 -5.07
CA ASN B 277 -30.74 23.14 -4.74
C ASN B 277 -31.61 21.88 -4.66
N LEU B 278 -31.37 20.97 -5.60
CA LEU B 278 -32.09 19.71 -5.64
C LEU B 278 -31.77 18.95 -4.34
N PHE B 279 -30.48 18.86 -4.07
CA PHE B 279 -29.96 18.19 -2.88
C PHE B 279 -30.73 18.59 -1.63
N HIS B 280 -30.86 19.89 -1.43
CA HIS B 280 -31.56 20.42 -0.28
C HIS B 280 -33.08 20.25 -0.34
N ARG B 281 -33.66 20.34 -1.53
CA ARG B 281 -35.10 20.14 -1.64
C ARG B 281 -35.39 18.70 -1.26
N GLN B 282 -34.43 17.82 -1.52
CA GLN B 282 -34.57 16.40 -1.20
C GLN B 282 -34.34 16.13 0.30
N GLY B 283 -33.89 17.15 1.02
CA GLY B 283 -33.65 17.02 2.45
C GLY B 283 -32.37 16.31 2.86
N PHE B 284 -31.41 16.21 1.94
CA PHE B 284 -30.14 15.55 2.24
C PHE B 284 -29.21 16.50 2.97
N SER B 285 -28.36 15.92 3.80
CA SER B 285 -27.39 16.69 4.55
C SER B 285 -26.03 16.48 3.92
N TYR B 286 -25.27 17.56 3.75
CA TYR B 286 -23.93 17.45 3.16
C TYR B 286 -23.00 16.96 4.28
N ASP B 287 -23.06 15.66 4.54
CA ASP B 287 -22.29 15.04 5.60
C ASP B 287 -21.21 14.08 5.09
N TYR B 288 -21.05 14.01 3.78
CA TYR B 288 -20.07 13.11 3.15
C TYR B 288 -20.31 11.65 3.45
N VAL B 289 -21.56 11.28 3.69
CA VAL B 289 -21.86 9.89 3.94
C VAL B 289 -22.33 9.30 2.63
N PHE B 290 -21.39 8.66 1.93
CA PHE B 290 -21.64 8.03 0.65
C PHE B 290 -22.18 6.63 0.90
N ASP B 291 -22.83 6.05 -0.12
CA ASP B 291 -23.41 4.71 0.01
C ASP B 291 -22.44 3.71 0.61
N TRP B 292 -21.25 3.63 0.04
CA TRP B 292 -20.26 2.68 0.52
C TRP B 292 -19.85 2.95 1.97
N ASN B 293 -20.24 4.12 2.49
CA ASN B 293 -19.95 4.52 3.86
C ASN B 293 -21.01 3.99 4.82
N MET B 294 -22.09 3.47 4.27
CA MET B 294 -23.18 2.97 5.09
C MET B 294 -23.15 1.48 5.35
C1 15G C . 5.69 -6.83 -1.62
C2 15G C . 4.83 -5.83 -1.06
C3 15G C . 4.45 -6.07 0.31
C7 15G C . 1.34 -8.32 8.90
C8 15G C . 3.12 -11.79 7.11
C9 15G C . 3.90 -12.95 7.03
C10 15G C . 3.77 -14.13 7.77
C11 15G C . 6.05 -14.75 6.92
C12 15G C . 5.93 -13.81 5.72
C13 15G C . 4.88 -12.78 6.05
C14 15G C . 3.69 -10.94 6.12
C15 15G C . 3.26 -9.52 5.82
C16 15G C . 3.72 -8.95 4.56
C19 15G C . 3.32 -7.58 4.31
C20 15G C . 3.74 -6.87 3.06
O1 15G C . 2.81 -14.32 8.52
N2 15G C . 4.76 -15.02 7.58
N3 15G C . 4.76 -11.56 5.48
C17 15G C . 2.45 -8.65 6.70
C18 15G C . 2.09 -7.28 6.33
N1 15G C . 2.57 -6.82 5.14
O2 15G C . 1.99 -9.16 7.92
O3 15G C . 4.65 -7.66 2.32
C4 15G C . 4.92 -7.25 1.01
C5 15G C . 5.79 -8.22 0.42
C6 15G C . 6.16 -7.98 -0.91
F1 15G C . 6.16 -6.76 -2.89
F2 15G C . 6.94 -8.87 -1.51
C1 15G D . -7.23 -0.14 -5.59
C2 15G D . -6.92 0.76 -4.51
C3 15G D . -6.06 1.85 -4.88
C7 15G D . -2.23 9.69 -8.49
C8 15G D . -2.96 6.79 -11.62
C9 15G D . -3.43 6.27 -12.84
C10 15G D . -3.12 6.71 -14.13
C11 15G D . -4.93 5.13 -14.96
C12 15G D . -4.99 4.39 -13.63
C13 15G D . -4.28 5.21 -12.57
C14 15G D . -3.56 6.00 -10.63
C15 15G D . -3.44 6.15 -9.10
C16 15G D . -3.97 5.06 -8.30
C19 15G D . -3.89 5.19 -6.88
C20 15G D . -4.46 4.12 -5.97
O1 15G D . -2.31 7.61 -14.34
N2 15G D . -3.79 6.08 -15.14
N3 15G D . -4.35 5.05 -11.24
C17 15G D . -2.88 7.28 -8.36
C18 15G D . -2.84 7.33 -6.90
N1 15G D . -3.35 6.28 -6.23
O2 15G D . -2.37 8.38 -9.09
O3 15G D . -4.74 2.97 -6.77
C4 15G D . -5.58 1.99 -6.27
C5 15G D . -5.92 1.07 -7.32
C6 15G D . -6.75 0.02 -6.91
F1 15G D . -8.02 -1.23 -5.47
F2 15G D . -7.11 -0.90 -7.76
#